data_5FE8
#
_entry.id   5FE8
#
_cell.length_a   99.670
_cell.length_b   99.670
_cell.length_c   99.625
_cell.angle_alpha   90.00
_cell.angle_beta   90.00
_cell.angle_gamma   120.00
#
_symmetry.space_group_name_H-M   'H 3'
#
loop_
_entity.id
_entity.type
_entity.pdbx_description
1 polymer 'Histone acetyltransferase KAT2B'
2 non-polymer ~{N}-(1,4-dimethyl-2-oxidanylidene-quinolin-7-yl)ethanamide
3 non-polymer 1,2-ETHANEDIOL
4 non-polymer 'DIMETHYL SULFOXIDE'
5 water water
#
_entity_poly.entity_id   1
_entity_poly.type   'polypeptide(L)'
_entity_poly.pdbx_seq_one_letter_code
;SMGKEKSKEPRDPDQLYSTLKSILQQVKSHQSAWPFMEPVKRTEAPGYYEVIRFPMDLKTMSERLKNRYYVSKKLFMADL
QRVFTNCKEYNPPESEYYKCANILEKFFFSKIKEAGLID
;
_entity_poly.pdbx_strand_id   A,B
#
# COMPACT_ATOMS: atom_id res chain seq x y z
N ASP A 12 -23.72 8.45 -13.25
CA ASP A 12 -22.68 8.98 -12.31
C ASP A 12 -22.31 7.95 -11.21
N PRO A 13 -23.30 7.52 -10.36
CA PRO A 13 -23.10 6.26 -9.56
C PRO A 13 -22.88 5.01 -10.45
N ASP A 14 -23.66 4.88 -11.52
CA ASP A 14 -23.50 3.74 -12.45
C ASP A 14 -22.29 3.81 -13.35
N GLN A 15 -21.80 5.00 -13.65
CA GLN A 15 -20.51 5.14 -14.30
C GLN A 15 -19.38 4.63 -13.40
N LEU A 16 -19.39 5.04 -12.13
CA LEU A 16 -18.38 4.55 -11.17
C LEU A 16 -18.42 3.03 -11.07
N TYR A 17 -19.61 2.48 -10.89
CA TYR A 17 -19.80 1.03 -10.88
C TYR A 17 -19.19 0.32 -12.09
N SER A 18 -19.51 0.83 -13.29
CA SER A 18 -19.03 0.24 -14.53
C SER A 18 -17.53 0.24 -14.58
N THR A 19 -16.94 1.39 -14.29
CA THR A 19 -15.49 1.52 -14.27
C THR A 19 -14.84 0.57 -13.28
N LEU A 20 -15.36 0.55 -12.05
CA LEU A 20 -14.76 -0.30 -11.00
C LEU A 20 -14.91 -1.79 -11.33
N LYS A 21 -16.08 -2.16 -11.86
CA LYS A 21 -16.32 -3.52 -12.31
C LYS A 21 -15.33 -3.92 -13.40
N SER A 22 -15.13 -3.06 -14.39
CA SER A 22 -14.09 -3.29 -15.42
C SER A 22 -12.69 -3.48 -14.82
N ILE A 23 -12.30 -2.56 -13.97
CA ILE A 23 -10.99 -2.64 -13.30
C ILE A 23 -10.85 -3.91 -12.48
N LEU A 24 -11.85 -4.21 -11.66
CA LEU A 24 -11.80 -5.41 -10.82
C LEU A 24 -11.72 -6.69 -11.68
N GLN A 25 -12.49 -6.74 -12.74
CA GLN A 25 -12.47 -7.93 -13.63
C GLN A 25 -11.11 -8.12 -14.29
N GLN A 26 -10.53 -7.02 -14.72
CA GLN A 26 -9.19 -7.08 -15.32
C GLN A 26 -8.13 -7.55 -14.32
N VAL A 27 -8.17 -7.02 -13.10
CA VAL A 27 -7.28 -7.45 -12.02
C VAL A 27 -7.45 -8.96 -11.73
N LYS A 28 -8.71 -9.40 -11.65
CA LYS A 28 -9.00 -10.80 -11.41
C LYS A 28 -8.57 -11.75 -12.52
N SER A 29 -8.55 -11.28 -13.78
CA SER A 29 -8.08 -12.10 -14.93
C SER A 29 -6.58 -12.19 -15.01
N HIS A 30 -5.89 -11.35 -14.27
CA HIS A 30 -4.43 -11.24 -14.40
C HIS A 30 -3.79 -12.55 -13.89
N GLN A 31 -2.76 -13.01 -14.57
CA GLN A 31 -2.02 -14.19 -14.16
C GLN A 31 -1.42 -14.19 -12.70
N SER A 32 -1.06 -13.05 -12.17
CA SER A 32 -0.55 -12.90 -10.80
C SER A 32 -1.65 -12.70 -9.75
N ALA A 33 -2.92 -12.78 -10.15
CA ALA A 33 -4.01 -12.61 -9.18
C ALA A 33 -4.35 -13.89 -8.43
N TRP A 34 -3.82 -15.01 -8.88
CA TRP A 34 -4.25 -16.32 -8.38
C TRP A 34 -4.13 -16.51 -6.81
N PRO A 35 -3.14 -15.87 -6.15
CA PRO A 35 -3.09 -15.95 -4.66
C PRO A 35 -4.21 -15.21 -3.94
N PHE A 36 -4.91 -14.31 -4.64
CA PHE A 36 -5.79 -13.30 -4.03
C PHE A 36 -7.25 -13.45 -4.43
N MET A 37 -7.59 -14.55 -5.09
CA MET A 37 -8.95 -14.69 -5.68
C MET A 37 -10.02 -14.95 -4.62
N GLU A 38 -9.66 -15.61 -3.52
CA GLU A 38 -10.64 -15.99 -2.49
C GLU A 38 -10.00 -15.81 -1.12
N PRO A 39 -10.81 -15.78 -0.03
CA PRO A 39 -10.21 -15.70 1.29
C PRO A 39 -9.17 -16.75 1.48
N VAL A 40 -8.08 -16.39 2.09
CA VAL A 40 -7.04 -17.37 2.45
C VAL A 40 -7.63 -18.49 3.31
N LYS A 41 -7.34 -19.73 2.95
CA LYS A 41 -7.85 -20.87 3.71
C LYS A 41 -6.88 -21.23 4.84
N ARG A 42 -7.42 -21.48 6.04
CA ARG A 42 -6.60 -21.91 7.21
C ARG A 42 -5.73 -23.14 6.87
N THR A 43 -6.29 -24.02 6.04
CA THR A 43 -5.55 -25.18 5.54
C THR A 43 -4.31 -24.76 4.74
N GLU A 44 -4.46 -23.74 3.94
CA GLU A 44 -3.34 -23.15 3.17
C GLU A 44 -2.35 -22.32 3.97
N ALA A 45 -2.82 -21.71 5.06
CA ALA A 45 -1.99 -20.80 5.85
C ALA A 45 -2.43 -20.86 7.33
N PRO A 46 -2.15 -21.98 8.04
CA PRO A 46 -2.59 -22.13 9.46
C PRO A 46 -2.06 -20.96 10.31
N GLY A 47 -2.91 -20.33 11.11
CA GLY A 47 -2.51 -19.12 11.89
C GLY A 47 -2.43 -17.79 11.13
N TYR A 48 -2.88 -17.79 9.89
CA TYR A 48 -3.00 -16.57 9.11
C TYR A 48 -3.94 -15.59 9.80
N TYR A 49 -5.09 -16.10 10.22
CA TYR A 49 -6.14 -15.33 10.80
C TYR A 49 -5.91 -14.88 12.23
N GLU A 50 -4.82 -15.33 12.85
CA GLU A 50 -4.33 -14.74 14.12
C GLU A 50 -3.43 -13.55 13.85
N VAL A 51 -2.79 -13.54 12.69
CA VAL A 51 -1.84 -12.50 12.34
C VAL A 51 -2.53 -11.32 11.64
N ILE A 52 -3.32 -11.63 10.61
CA ILE A 52 -3.91 -10.66 9.73
C ILE A 52 -5.31 -10.29 10.25
N ARG A 53 -5.46 -9.08 10.76
CA ARG A 53 -6.70 -8.65 11.39
C ARG A 53 -7.77 -8.22 10.40
N PHE A 54 -7.36 -7.69 9.24
CA PHE A 54 -8.30 -7.27 8.21
C PHE A 54 -8.07 -8.01 6.90
N PRO A 55 -8.46 -9.29 6.84
CA PRO A 55 -8.35 -10.06 5.59
C PRO A 55 -9.13 -9.42 4.44
N MET A 56 -8.60 -9.52 3.24
CA MET A 56 -9.32 -9.05 2.05
C MET A 56 -8.84 -9.87 0.86
N ASP A 57 -9.75 -10.09 -0.07
CA ASP A 57 -9.51 -10.86 -1.28
C ASP A 57 -10.41 -10.35 -2.39
N LEU A 58 -10.18 -10.81 -3.60
CA LEU A 58 -10.92 -10.33 -4.78
C LEU A 58 -12.38 -10.79 -4.87
N LYS A 59 -12.69 -11.96 -4.31
CA LYS A 59 -14.07 -12.44 -4.29
C LYS A 59 -14.93 -11.55 -3.40
N THR A 60 -14.44 -11.32 -2.19
CA THR A 60 -15.06 -10.41 -1.23
C THR A 60 -15.25 -9.05 -1.90
N MET A 61 -14.25 -8.58 -2.63
CA MET A 61 -14.38 -7.31 -3.33
C MET A 61 -15.52 -7.35 -4.39
N SER A 62 -15.58 -8.45 -5.15
CA SER A 62 -16.64 -8.64 -6.12
C SER A 62 -18.01 -8.56 -5.50
N GLU A 63 -18.16 -9.16 -4.33
CA GLU A 63 -19.41 -9.12 -3.61
C GLU A 63 -19.72 -7.74 -3.12
N ARG A 64 -18.71 -7.08 -2.53
CA ARG A 64 -18.85 -5.69 -2.10
C ARG A 64 -19.29 -4.82 -3.26
N LEU A 65 -18.63 -4.98 -4.39
CA LEU A 65 -19.03 -4.24 -5.60
C LEU A 65 -20.50 -4.50 -5.95
N LYS A 66 -20.88 -5.77 -6.11
CA LYS A 66 -22.28 -6.14 -6.40
C LYS A 66 -23.23 -5.55 -5.36
N ASN A 67 -22.81 -5.56 -4.10
CA ASN A 67 -23.59 -4.99 -3.01
C ASN A 67 -23.62 -3.45 -2.95
N ARG A 68 -23.00 -2.77 -3.92
CA ARG A 68 -23.03 -1.31 -4.01
C ARG A 68 -22.35 -0.61 -2.83
N TYR A 69 -21.31 -1.26 -2.31
CA TYR A 69 -20.50 -0.69 -1.24
C TYR A 69 -19.54 0.40 -1.71
N TYR A 70 -18.99 0.22 -2.90
CA TYR A 70 -17.97 1.11 -3.41
C TYR A 70 -18.59 2.37 -4.00
N VAL A 71 -19.14 3.22 -3.13
CA VAL A 71 -19.68 4.51 -3.55
C VAL A 71 -18.59 5.55 -3.90
N SER A 72 -17.32 5.25 -3.62
CA SER A 72 -16.20 6.14 -3.92
C SER A 72 -14.99 5.33 -4.37
N LYS A 73 -14.12 5.99 -5.12
CA LYS A 73 -12.82 5.45 -5.48
C LYS A 73 -11.99 5.08 -4.24
N LYS A 74 -12.03 5.96 -3.24
CA LYS A 74 -11.29 5.73 -1.99
C LYS A 74 -11.61 4.37 -1.40
N LEU A 75 -12.89 4.02 -1.33
CA LEU A 75 -13.27 2.73 -0.70
C LEU A 75 -12.73 1.53 -1.45
N PHE A 76 -12.77 1.62 -2.78
CA PHE A 76 -12.30 0.54 -3.63
C PHE A 76 -10.78 0.38 -3.47
N MET A 77 -10.08 1.50 -3.52
CA MET A 77 -8.62 1.50 -3.44
C MET A 77 -8.16 0.95 -2.09
N ALA A 78 -8.85 1.30 -1.02
CA ALA A 78 -8.46 0.81 0.29
C ALA A 78 -8.53 -0.71 0.37
N ASP A 79 -9.61 -1.31 -0.16
CA ASP A 79 -9.78 -2.76 -0.14
C ASP A 79 -8.74 -3.47 -0.98
N LEU A 80 -8.52 -2.97 -2.20
CA LEU A 80 -7.53 -3.64 -3.02
C LEU A 80 -6.13 -3.44 -2.46
N GLN A 81 -5.84 -2.28 -1.94
CA GLN A 81 -4.53 -2.07 -1.35
C GLN A 81 -4.29 -2.99 -0.14
N ARG A 82 -5.33 -3.20 0.65
CA ARG A 82 -5.27 -4.12 1.80
C ARG A 82 -4.90 -5.53 1.41
N VAL A 83 -5.39 -5.97 0.23
CA VAL A 83 -4.98 -7.26 -0.29
C VAL A 83 -3.44 -7.30 -0.35
N PHE A 84 -2.85 -6.26 -0.92
CA PHE A 84 -1.39 -6.22 -1.11
C PHE A 84 -0.65 -6.06 0.20
N THR A 85 -1.16 -5.20 1.09
CA THR A 85 -0.46 -4.95 2.35
C THR A 85 -0.55 -6.19 3.29
N ASN A 86 -1.66 -6.89 3.27
CA ASN A 86 -1.75 -8.19 4.02
C ASN A 86 -0.68 -9.17 3.55
N CYS A 87 -0.59 -9.32 2.22
CA CYS A 87 0.38 -10.21 1.64
C CYS A 87 1.82 -9.85 2.06
N LYS A 88 2.13 -8.58 2.02
CA LYS A 88 3.49 -8.14 2.35
C LYS A 88 3.80 -8.18 3.87
N GLU A 89 2.80 -7.97 4.73
CA GLU A 89 2.97 -8.22 6.15
C GLU A 89 3.18 -9.69 6.49
N TYR A 90 2.49 -10.57 5.79
CA TYR A 90 2.50 -11.99 6.13
C TYR A 90 3.70 -12.73 5.59
N ASN A 91 4.12 -12.39 4.38
CA ASN A 91 5.09 -13.18 3.62
C ASN A 91 6.46 -12.52 3.46
N PRO A 92 7.55 -13.34 3.38
CA PRO A 92 8.86 -12.82 3.04
C PRO A 92 8.90 -12.15 1.63
N PRO A 93 9.83 -11.19 1.42
CA PRO A 93 9.88 -10.41 0.18
C PRO A 93 10.17 -11.24 -1.08
N GLU A 94 10.90 -12.32 -0.96
CA GLU A 94 11.20 -13.13 -2.14
C GLU A 94 10.24 -14.33 -2.30
N SER A 95 9.19 -14.42 -1.47
CA SER A 95 8.13 -15.41 -1.71
C SER A 95 7.36 -15.10 -2.98
N GLU A 96 6.86 -16.17 -3.58
CA GLU A 96 6.07 -16.04 -4.79
C GLU A 96 4.84 -15.15 -4.54
N TYR A 97 4.25 -15.27 -3.37
CA TYR A 97 3.08 -14.44 -3.03
C TYR A 97 3.41 -12.94 -3.03
N TYR A 98 4.54 -12.56 -2.40
CA TYR A 98 4.98 -11.16 -2.34
C TYR A 98 5.26 -10.67 -3.77
N LYS A 99 5.97 -11.47 -4.56
CA LYS A 99 6.20 -11.12 -5.98
C LYS A 99 4.92 -10.89 -6.78
N CYS A 100 3.96 -11.83 -6.65
CA CYS A 100 2.64 -11.62 -7.28
C CYS A 100 2.01 -10.30 -6.86
N ALA A 101 2.10 -9.96 -5.60
CA ALA A 101 1.44 -8.74 -5.11
C ALA A 101 1.97 -7.49 -5.82
N ASN A 102 3.29 -7.43 -5.97
CA ASN A 102 3.93 -6.22 -6.59
C ASN A 102 3.67 -6.15 -8.09
N ILE A 103 3.63 -7.31 -8.74
CA ILE A 103 3.28 -7.38 -10.15
C ILE A 103 1.82 -6.95 -10.34
N LEU A 104 0.93 -7.51 -9.56
CA LEU A 104 -0.48 -7.15 -9.71
C LEU A 104 -0.74 -5.70 -9.28
N GLU A 105 -0.02 -5.23 -8.29
CA GLU A 105 -0.15 -3.83 -7.87
C GLU A 105 0.25 -2.89 -9.02
N LYS A 106 1.36 -3.18 -9.69
CA LYS A 106 1.74 -2.36 -10.85
C LYS A 106 0.59 -2.31 -11.83
N PHE A 107 0.01 -3.49 -12.14
CA PHE A 107 -1.08 -3.61 -13.12
C PHE A 107 -2.30 -2.82 -12.67
N PHE A 108 -2.68 -3.00 -11.43
CA PHE A 108 -3.76 -2.23 -10.78
C PHE A 108 -3.62 -0.74 -11.00
N PHE A 109 -2.45 -0.21 -10.66
CA PHE A 109 -2.28 1.25 -10.79
C PHE A 109 -2.37 1.70 -12.26
N SER A 110 -1.86 0.88 -13.20
CA SER A 110 -1.96 1.21 -14.64
CA SER A 110 -1.97 1.20 -14.64
C SER A 110 -3.42 1.27 -15.04
N LYS A 111 -4.22 0.32 -14.53
CA LYS A 111 -5.67 0.30 -14.82
C LYS A 111 -6.46 1.47 -14.24
N ILE A 112 -6.12 1.88 -13.02
CA ILE A 112 -6.71 3.10 -12.42
C ILE A 112 -6.41 4.36 -13.25
N LYS A 113 -5.15 4.50 -13.64
CA LYS A 113 -4.70 5.65 -14.45
C LYS A 113 -5.36 5.63 -15.82
N GLU A 114 -5.30 4.49 -16.50
CA GLU A 114 -5.99 4.28 -17.80
C GLU A 114 -7.47 4.69 -17.75
N ALA A 115 -8.15 4.39 -16.65
CA ALA A 115 -9.57 4.75 -16.48
C ALA A 115 -9.81 6.22 -16.15
N GLY A 116 -8.76 6.96 -15.82
CA GLY A 116 -8.92 8.34 -15.36
C GLY A 116 -9.64 8.41 -14.02
N LEU A 117 -9.59 7.33 -13.26
CA LEU A 117 -10.40 7.25 -12.08
C LEU A 117 -9.85 8.16 -10.97
N ILE A 118 -10.72 9.07 -10.55
CA ILE A 118 -10.36 10.17 -9.66
C ILE A 118 -11.42 10.32 -8.58
N ASP A 119 -11.03 10.95 -7.48
CA ASP A 119 -11.98 11.33 -6.45
C ASP A 119 -12.85 12.44 -7.00
N ASP B 12 7.42 2.05 28.06
CA ASP B 12 6.32 1.47 27.19
C ASP B 12 5.92 2.46 26.03
N PRO B 13 5.46 3.70 26.38
CA PRO B 13 5.45 4.78 25.36
C PRO B 13 6.86 5.12 24.82
N ASP B 14 7.85 5.21 25.72
CA ASP B 14 9.23 5.51 25.28
C ASP B 14 9.96 4.37 24.62
N GLN B 15 9.56 3.13 24.89
CA GLN B 15 10.01 2.00 24.08
C GLN B 15 9.48 2.07 22.63
N LEU B 16 8.20 2.36 22.46
CA LEU B 16 7.61 2.54 21.10
C LEU B 16 8.31 3.65 20.34
N TYR B 17 8.48 4.80 20.99
CA TYR B 17 9.25 5.90 20.43
C TYR B 17 10.65 5.49 19.95
N SER B 18 11.40 4.82 20.82
CA SER B 18 12.75 4.37 20.49
C SER B 18 12.77 3.48 19.26
N THR B 19 11.88 2.49 19.26
CA THR B 19 11.77 1.54 18.14
C THR B 19 11.44 2.25 16.85
N LEU B 20 10.44 3.12 16.90
CA LEU B 20 10.00 3.81 15.71
C LEU B 20 11.08 4.73 15.18
N LYS B 21 11.73 5.44 16.09
CA LYS B 21 12.82 6.33 15.73
C LYS B 21 13.96 5.57 15.04
N SER B 22 14.32 4.41 15.60
CA SER B 22 15.31 3.51 14.97
C SER B 22 14.87 3.10 13.56
N ILE B 23 13.63 2.65 13.43
CA ILE B 23 13.09 2.23 12.13
C ILE B 23 13.10 3.40 11.13
N LEU B 24 12.60 4.54 11.56
CA LEU B 24 12.52 5.68 10.65
C LEU B 24 13.93 6.15 10.21
N GLN B 25 14.87 6.19 11.14
CA GLN B 25 16.25 6.58 10.82
C GLN B 25 16.86 5.63 9.80
N GLN B 26 16.67 4.33 10.01
CA GLN B 26 17.21 3.34 9.11
C GLN B 26 16.57 3.49 7.72
N VAL B 27 15.27 3.71 7.66
CA VAL B 27 14.61 4.00 6.38
C VAL B 27 15.20 5.26 5.69
N LYS B 28 15.31 6.34 6.45
CA LYS B 28 15.84 7.62 5.91
C LYS B 28 17.29 7.56 5.48
N SER B 29 18.09 6.67 6.08
CA SER B 29 19.50 6.43 5.68
C SER B 29 19.64 5.57 4.42
N HIS B 30 18.56 4.93 3.99
CA HIS B 30 18.63 3.95 2.91
C HIS B 30 18.89 4.69 1.60
N GLN B 31 19.74 4.16 0.75
CA GLN B 31 20.02 4.79 -0.55
C GLN B 31 18.79 5.01 -1.51
N SER B 32 17.72 4.22 -1.39
CA SER B 32 16.48 4.40 -2.14
C SER B 32 15.45 5.34 -1.48
N ALA B 33 15.80 5.97 -0.36
CA ALA B 33 14.90 6.89 0.31
C ALA B 33 14.89 8.27 -0.29
N TRP B 34 15.84 8.57 -1.15
CA TRP B 34 16.07 9.96 -1.62
C TRP B 34 14.84 10.67 -2.28
N PRO B 35 13.95 9.93 -2.96
CA PRO B 35 12.74 10.56 -3.50
C PRO B 35 11.70 10.98 -2.44
N PHE B 36 11.85 10.47 -1.21
CA PHE B 36 10.81 10.55 -0.18
C PHE B 36 11.19 11.44 1.00
N MET B 37 12.34 12.10 0.92
CA MET B 37 12.90 12.76 2.08
C MET B 37 12.15 14.05 2.43
N GLU B 38 11.47 14.67 1.46
CA GLU B 38 10.70 15.88 1.69
C GLU B 38 9.42 15.90 0.90
N PRO B 39 8.45 16.80 1.28
CA PRO B 39 7.22 16.86 0.49
C PRO B 39 7.45 17.07 -1.00
N VAL B 40 6.61 16.44 -1.81
CA VAL B 40 6.58 16.65 -3.28
C VAL B 40 6.26 18.11 -3.58
N LYS B 41 6.99 18.73 -4.50
CA LYS B 41 6.67 20.10 -4.94
C LYS B 41 5.72 20.03 -6.15
N ARG B 42 4.60 20.77 -6.09
CA ARG B 42 3.64 20.82 -7.22
C ARG B 42 4.32 21.32 -8.51
N THR B 43 5.32 22.19 -8.37
CA THR B 43 6.09 22.66 -9.52
C THR B 43 6.84 21.49 -10.15
N GLU B 44 7.37 20.58 -9.35
CA GLU B 44 8.09 19.41 -9.89
C GLU B 44 7.17 18.25 -10.35
N ALA B 45 5.89 18.21 -9.92
CA ALA B 45 4.97 17.06 -10.21
C ALA B 45 3.55 17.48 -10.59
N PRO B 46 3.26 17.69 -11.91
CA PRO B 46 2.01 18.35 -12.31
C PRO B 46 0.75 17.57 -11.92
N GLY B 47 -0.19 18.25 -11.30
CA GLY B 47 -1.42 17.61 -10.91
C GLY B 47 -1.21 16.52 -9.87
N TYR B 48 -0.09 16.54 -9.14
CA TYR B 48 0.13 15.57 -8.08
C TYR B 48 -0.94 15.72 -7.00
N TYR B 49 -1.16 16.95 -6.55
CA TYR B 49 -2.06 17.27 -5.46
C TYR B 49 -3.55 17.21 -5.84
N GLU B 50 -3.89 17.02 -7.11
CA GLU B 50 -5.27 16.66 -7.49
C GLU B 50 -5.48 15.15 -7.38
N VAL B 51 -4.43 14.36 -7.55
CA VAL B 51 -4.54 12.90 -7.57
C VAL B 51 -4.38 12.30 -6.16
N ILE B 52 -3.36 12.78 -5.46
CA ILE B 52 -2.93 12.26 -4.18
C ILE B 52 -3.54 13.10 -3.05
N ARG B 53 -4.51 12.54 -2.36
CA ARG B 53 -5.25 13.27 -1.32
C ARG B 53 -4.52 13.39 0.00
N PHE B 54 -3.72 12.38 0.35
CA PHE B 54 -2.98 12.40 1.61
C PHE B 54 -1.48 12.24 1.35
N PRO B 55 -0.83 13.35 0.94
CA PRO B 55 0.61 13.33 0.69
C PRO B 55 1.35 12.95 1.95
N MET B 56 2.47 12.26 1.80
CA MET B 56 3.32 11.98 2.95
C MET B 56 4.76 11.84 2.52
N ASP B 57 5.69 12.18 3.44
CA ASP B 57 7.13 12.10 3.20
C ASP B 57 7.85 11.86 4.52
N LEU B 58 9.13 11.56 4.44
CA LEU B 58 9.93 11.17 5.60
C LEU B 58 10.30 12.33 6.55
N LYS B 59 10.37 13.55 6.03
CA LYS B 59 10.55 14.73 6.89
C LYS B 59 9.33 15.00 7.78
N THR B 60 8.16 15.03 7.14
CA THR B 60 6.88 15.14 7.85
C THR B 60 6.77 14.01 8.90
N MET B 61 7.13 12.77 8.53
CA MET B 61 7.09 11.69 9.51
C MET B 61 8.02 11.94 10.69
N SER B 62 9.25 12.40 10.41
CA SER B 62 10.19 12.78 11.47
C SER B 62 9.62 13.83 12.44
N GLU B 63 8.92 14.82 11.88
CA GLU B 63 8.24 15.83 12.68
C GLU B 63 7.13 15.22 13.49
N ARG B 64 6.31 14.39 12.84
CA ARG B 64 5.23 13.70 13.55
C ARG B 64 5.77 12.86 14.69
N LEU B 65 6.85 12.11 14.41
CA LEU B 65 7.49 11.36 15.45
C LEU B 65 7.97 12.26 16.63
N LYS B 66 8.74 13.28 16.30
CA LYS B 66 9.22 14.25 17.30
C LYS B 66 8.05 14.86 18.07
N ASN B 67 6.97 15.12 17.36
CA ASN B 67 5.73 15.66 17.98
C ASN B 67 4.92 14.67 18.81
N ARG B 68 5.41 13.43 18.95
CA ARG B 68 4.73 12.40 19.77
C ARG B 68 3.32 12.05 19.24
N TYR B 69 3.18 12.10 17.91
CA TYR B 69 1.93 11.74 17.23
C TYR B 69 1.75 10.22 17.16
N TYR B 70 2.87 9.50 16.97
CA TYR B 70 2.83 8.07 16.74
C TYR B 70 2.67 7.28 18.03
N VAL B 71 1.49 7.40 18.63
CA VAL B 71 1.18 6.70 19.89
C VAL B 71 0.90 5.20 19.68
N SER B 72 0.78 4.78 18.43
CA SER B 72 0.58 3.39 18.07
C SER B 72 1.42 3.03 16.85
N LYS B 73 1.77 1.76 16.77
CA LYS B 73 2.45 1.23 15.60
C LYS B 73 1.57 1.39 14.34
N LYS B 74 0.26 1.26 14.49
CA LYS B 74 -0.68 1.45 13.40
C LYS B 74 -0.54 2.82 12.72
N LEU B 75 -0.48 3.89 13.51
CA LEU B 75 -0.34 5.25 12.95
C LEU B 75 0.93 5.39 12.14
N PHE B 76 2.03 4.86 12.65
CA PHE B 76 3.33 4.93 11.98
C PHE B 76 3.33 4.15 10.67
N MET B 77 2.82 2.92 10.71
CA MET B 77 2.74 2.06 9.53
C MET B 77 1.84 2.62 8.45
N ALA B 78 0.76 3.28 8.82
CA ALA B 78 -0.10 3.88 7.83
C ALA B 78 0.59 5.04 7.08
N ASP B 79 1.29 5.92 7.82
CA ASP B 79 2.03 7.02 7.18
C ASP B 79 3.12 6.50 6.22
N LEU B 80 3.90 5.56 6.69
CA LEU B 80 5.00 5.13 5.88
C LEU B 80 4.53 4.32 4.71
N GLN B 81 3.49 3.51 4.91
CA GLN B 81 2.92 2.80 3.78
CA GLN B 81 2.88 2.78 3.78
C GLN B 81 2.39 3.78 2.73
N ARG B 82 1.77 4.87 3.21
CA ARG B 82 1.22 5.90 2.31
C ARG B 82 2.28 6.57 1.44
N VAL B 83 3.49 6.71 1.96
CA VAL B 83 4.59 7.24 1.17
C VAL B 83 4.78 6.36 -0.10
N PHE B 84 4.78 5.06 0.10
CA PHE B 84 4.98 4.15 -1.02
C PHE B 84 3.80 4.06 -1.93
N THR B 85 2.60 3.96 -1.38
CA THR B 85 1.42 3.78 -2.22
C THR B 85 1.14 5.05 -3.04
N ASN B 86 1.38 6.23 -2.44
CA ASN B 86 1.21 7.49 -3.21
C ASN B 86 2.16 7.47 -4.42
N CYS B 87 3.40 7.14 -4.16
CA CYS B 87 4.39 7.08 -5.24
C CYS B 87 3.94 6.11 -6.36
N LYS B 88 3.51 4.93 -5.97
CA LYS B 88 3.14 3.90 -6.97
C LYS B 88 1.87 4.25 -7.70
N GLU B 89 0.91 4.93 -7.07
CA GLU B 89 -0.23 5.42 -7.84
C GLU B 89 0.15 6.48 -8.89
N TYR B 90 1.09 7.37 -8.50
CA TYR B 90 1.39 8.57 -9.30
C TYR B 90 2.34 8.28 -10.46
N ASN B 91 3.36 7.49 -10.22
CA ASN B 91 4.46 7.34 -11.16
C ASN B 91 4.40 6.08 -12.04
N PRO B 92 4.97 6.14 -13.27
CA PRO B 92 4.91 4.96 -14.17
C PRO B 92 5.65 3.79 -13.54
N PRO B 93 5.20 2.54 -13.83
CA PRO B 93 5.63 1.36 -13.07
C PRO B 93 7.13 1.06 -13.21
N GLU B 94 7.74 1.45 -14.34
CA GLU B 94 9.18 1.26 -14.50
C GLU B 94 10.00 2.53 -14.24
N SER B 95 9.37 3.60 -13.71
CA SER B 95 10.01 4.81 -13.16
CA SER B 95 10.09 4.78 -13.28
C SER B 95 11.03 4.45 -12.13
N GLU B 96 12.12 5.22 -12.09
CA GLU B 96 13.09 5.14 -11.02
C GLU B 96 12.41 5.38 -9.63
N TYR B 97 11.45 6.30 -9.57
CA TYR B 97 10.73 6.53 -8.33
C TYR B 97 9.94 5.29 -7.88
N TYR B 98 9.23 4.64 -8.82
CA TYR B 98 8.44 3.43 -8.51
C TYR B 98 9.39 2.36 -8.04
N LYS B 99 10.51 2.16 -8.72
CA LYS B 99 11.53 1.21 -8.24
C LYS B 99 12.05 1.47 -6.82
N CYS B 100 12.40 2.72 -6.53
CA CYS B 100 12.81 3.09 -5.17
C CYS B 100 11.76 2.77 -4.14
N ALA B 101 10.49 3.06 -4.45
CA ALA B 101 9.42 2.78 -3.52
C ALA B 101 9.35 1.32 -3.11
N ASN B 102 9.49 0.42 -4.09
CA ASN B 102 9.35 -1.02 -3.79
C ASN B 102 10.56 -1.60 -3.12
N ILE B 103 11.74 -1.09 -3.45
CA ILE B 103 12.96 -1.44 -2.74
C ILE B 103 12.85 -0.98 -1.29
N LEU B 104 12.50 0.28 -1.07
CA LEU B 104 12.43 0.79 0.32
C LEU B 104 11.25 0.20 1.09
N GLU B 105 10.14 -0.08 0.40
CA GLU B 105 9.03 -0.83 1.01
C GLU B 105 9.45 -2.24 1.47
N LYS B 106 10.22 -2.98 0.65
CA LYS B 106 10.76 -4.25 1.10
C LYS B 106 11.53 -4.08 2.37
N PHE B 107 12.37 -3.04 2.43
CA PHE B 107 13.22 -2.77 3.59
C PHE B 107 12.41 -2.45 4.82
N PHE B 108 11.44 -1.58 4.65
CA PHE B 108 10.46 -1.25 5.70
C PHE B 108 9.78 -2.49 6.33
N PHE B 109 9.20 -3.36 5.50
CA PHE B 109 8.51 -4.55 6.02
C PHE B 109 9.49 -5.44 6.76
N SER B 110 10.73 -5.58 6.27
CA SER B 110 11.75 -6.36 7.00
C SER B 110 12.04 -5.75 8.37
N LYS B 111 12.18 -4.43 8.42
CA LYS B 111 12.52 -3.73 9.67
C LYS B 111 11.39 -3.80 10.69
N ILE B 112 10.14 -3.65 10.26
CA ILE B 112 9.01 -3.75 11.19
C ILE B 112 8.85 -5.17 11.73
N LYS B 113 9.07 -6.18 10.88
CA LYS B 113 9.08 -7.57 11.33
C LYS B 113 10.22 -7.83 12.31
N GLU B 114 11.43 -7.44 11.93
CA GLU B 114 12.62 -7.57 12.78
C GLU B 114 12.40 -6.99 14.18
N ALA B 115 11.73 -5.85 14.24
CA ALA B 115 11.42 -5.19 15.53
C ALA B 115 10.27 -5.85 16.33
N GLY B 116 9.54 -6.77 15.72
CA GLY B 116 8.36 -7.35 16.34
C GLY B 116 7.19 -6.39 16.42
N LEU B 117 7.13 -5.40 15.54
CA LEU B 117 5.93 -4.57 15.41
C LEU B 117 4.73 -5.21 14.70
N ILE B 118 4.92 -6.25 13.88
CA ILE B 118 3.76 -7.05 13.38
C ILE B 118 4.06 -8.54 13.50
N ASP B 119 3.02 -9.33 13.70
CA ASP B 119 3.14 -10.76 13.93
C ASP B 119 3.39 -11.48 12.61
#